data_3VDY
#
_entry.id   3VDY
#
_cell.length_a   101.753
_cell.length_b   101.753
_cell.length_c   118.571
_cell.angle_alpha   90.00
_cell.angle_beta   90.00
_cell.angle_gamma   90.00
#
_symmetry.space_group_name_H-M   'P 43 21 2'
#
loop_
_entity.id
_entity.type
_entity.pdbx_description
1 polymer 'Single-stranded DNA-binding protein ssbB'
2 polymer "5'-D(P*TP*TP*TP*TP*TP*TP*TP*TP*TP*TP*TP*TP*TP*TP*TP*TP*TP*TP*TP*TP*TP*TP*TP*TP*TP*TP*TP*TP*TP*TP*TP*TP*TP*TP*T)-3'"
#
loop_
_entity_poly.entity_id
_entity_poly.type
_entity_poly.pdbx_seq_one_letter_code
_entity_poly.pdbx_strand_id
1 'polypeptide(L)'
;HHHMFNQVMLVGRLTKDPDLRYTSAGAAVAHVTLAVNRSFKNASGEIEADYVNCTLWRKTAENTALYCQKGSLVGVSGRI
QTRSYENEEGVNVYVTEVLADTVRFMDPKPREKAAD
;
A,B
2 'polydeoxyribonucleotide'
;(DT)(DT)(DT)(DT)(DT)(DT)(DT)(DT)(DT)(DT)(DT)(DT)(DT)(DT)(DT)(DT)(DT)(DT)(DT)(DT)
(DT)(DT)(DT)(DT)(DT)(DT)(DT)(DT)(DT)(DT)(DT)(DT)(DT)(DT)(DT)
;
C,D,E,F,G
#
loop_
_chem_comp.id
_chem_comp.type
_chem_comp.name
_chem_comp.formula
DT DNA linking THYMIDINE-5'-MONOPHOSPHATE 'C10 H15 N2 O8 P'
#
# COMPACT_ATOMS: atom_id res chain seq x y z
N HIS A 3 11.18 0.34 23.47
CA HIS A 3 10.84 1.73 23.83
C HIS A 3 10.60 2.52 22.57
N MET A 4 10.99 1.98 21.39
CA MET A 4 11.10 2.77 20.14
C MET A 4 10.56 1.99 18.95
N PHE A 5 10.14 2.70 17.91
CA PHE A 5 9.55 2.00 16.78
C PHE A 5 9.56 2.91 15.56
N ASN A 6 9.79 2.33 14.39
CA ASN A 6 9.87 3.14 13.18
C ASN A 6 9.55 2.29 11.94
N GLN A 7 8.36 2.45 11.41
CA GLN A 7 7.95 1.74 10.20
C GLN A 7 7.08 2.61 9.33
N VAL A 8 7.08 2.27 8.05
CA VAL A 8 6.44 3.06 7.03
C VAL A 8 5.93 2.05 6.01
N MET A 9 4.77 2.32 5.42
CA MET A 9 4.32 1.57 4.25
C MET A 9 3.92 2.60 3.20
N LEU A 10 4.21 2.31 1.94
CA LEU A 10 4.00 3.25 0.83
C LEU A 10 3.68 2.52 -0.43
N VAL A 11 2.76 3.09 -1.20
CA VAL A 11 2.47 2.63 -2.54
C VAL A 11 2.57 3.85 -3.44
N GLY A 12 3.51 3.82 -4.38
CA GLY A 12 3.70 4.94 -5.31
C GLY A 12 4.34 4.57 -6.62
N ARG A 13 4.44 5.52 -7.55
CA ARG A 13 5.11 5.25 -8.82
C ARG A 13 6.49 5.86 -8.85
N LEU A 14 7.44 5.11 -9.41
CA LEU A 14 8.81 5.56 -9.62
C LEU A 14 8.82 6.75 -10.55
N THR A 15 9.55 7.79 -10.15
CA THR A 15 9.68 8.99 -10.98
C THR A 15 10.72 8.80 -12.09
N LYS A 16 11.69 7.92 -11.86
CA LYS A 16 12.79 7.68 -12.81
C LYS A 16 13.13 6.21 -12.67
N ASP A 17 13.68 5.62 -13.71
CA ASP A 17 14.36 4.31 -13.61
C ASP A 17 15.21 4.25 -12.32
N PRO A 18 15.31 3.06 -11.70
CA PRO A 18 16.12 2.94 -10.50
C PRO A 18 17.63 3.09 -10.72
N ASP A 19 18.30 3.66 -9.72
CA ASP A 19 19.73 3.96 -9.79
C ASP A 19 20.54 2.87 -9.14
N LEU A 20 21.00 1.89 -9.93
CA LEU A 20 21.70 0.73 -9.38
C LEU A 20 23.20 0.92 -9.30
N ARG A 21 23.70 0.91 -8.08
CA ARG A 21 25.13 1.06 -7.82
C ARG A 21 25.67 -0.10 -7.00
N TYR A 22 26.99 -0.24 -6.94
CA TYR A 22 27.63 -1.22 -6.06
C TYR A 22 28.69 -0.60 -5.17
N THR A 23 28.64 -0.86 -3.87
CA THR A 23 29.69 -0.37 -2.95
C THR A 23 31.00 -1.06 -3.29
N SER A 24 32.13 -0.47 -2.92
CA SER A 24 33.39 -1.13 -3.27
C SER A 24 33.56 -2.43 -2.49
N ALA A 25 32.69 -2.66 -1.52
CA ALA A 25 32.57 -3.96 -0.89
C ALA A 25 31.93 -4.99 -1.83
N GLY A 26 31.09 -4.54 -2.75
CA GLY A 26 30.42 -5.43 -3.70
C GLY A 26 28.90 -5.45 -3.54
N ALA A 27 28.36 -4.63 -2.65
CA ALA A 27 26.93 -4.68 -2.38
C ALA A 27 26.13 -3.79 -3.33
N ALA A 28 25.10 -4.37 -3.93
CA ALA A 28 24.16 -3.62 -4.72
C ALA A 28 23.42 -2.64 -3.81
N VAL A 29 23.22 -1.42 -4.29
CA VAL A 29 22.34 -0.48 -3.61
C VAL A 29 21.64 0.38 -4.68
N ALA A 30 20.37 0.68 -4.44
CA ALA A 30 19.56 1.38 -5.42
C ALA A 30 18.90 2.60 -4.83
N HIS A 31 18.74 3.64 -5.63
CA HIS A 31 18.05 4.80 -5.16
C HIS A 31 16.90 5.04 -6.06
N VAL A 32 15.76 5.29 -5.45
CA VAL A 32 14.53 5.30 -6.14
C VAL A 32 13.74 6.46 -5.53
N THR A 33 13.01 7.22 -6.34
CA THR A 33 12.07 8.16 -5.74
C THR A 33 10.59 7.91 -6.13
N LEU A 34 9.75 7.74 -5.12
CA LEU A 34 8.36 7.37 -5.31
C LEU A 34 7.42 8.57 -5.27
N ALA A 35 6.60 8.70 -6.30
CA ALA A 35 5.57 9.69 -6.26
C ALA A 35 4.36 9.04 -5.63
N VAL A 36 3.96 9.53 -4.46
CA VAL A 36 2.78 9.04 -3.78
C VAL A 36 1.73 10.10 -3.89
N ASN A 37 0.75 9.89 -4.76
CA ASN A 37 -0.41 10.78 -4.91
C ASN A 37 -1.30 10.79 -3.66
N ARG A 38 -1.60 12.01 -3.19
CA ARG A 38 -2.51 12.24 -2.05
C ARG A 38 -3.96 11.85 -2.35
N SER A 39 -4.74 11.62 -1.29
CA SER A 39 -6.20 11.33 -1.38
C SER A 39 -7.01 12.58 -1.71
N PHE A 40 -6.73 13.67 -0.99
CA PHE A 40 -7.44 14.95 -1.14
C PHE A 40 -6.99 15.73 -2.38
N LYS A 41 -7.48 16.95 -2.52
CA LYS A 41 -7.10 17.84 -3.61
C LYS A 41 -6.71 19.22 -3.07
N ASN A 42 -6.12 20.06 -3.93
CA ASN A 42 -5.68 21.41 -3.53
C ASN A 42 -6.75 22.48 -3.76
N ALA A 43 -6.32 23.74 -3.80
CA ALA A 43 -7.21 24.87 -4.07
C ALA A 43 -7.67 24.91 -5.54
N SER A 44 -6.88 24.30 -6.42
CA SER A 44 -7.16 24.25 -7.86
C SER A 44 -7.91 22.97 -8.27
N GLY A 45 -8.06 22.04 -7.33
CA GLY A 45 -8.75 20.78 -7.58
C GLY A 45 -7.84 19.80 -8.31
N GLU A 46 -6.56 19.88 -8.03
CA GLU A 46 -5.57 18.97 -8.61
C GLU A 46 -5.02 18.03 -7.55
N ILE A 47 -4.53 16.87 -7.98
CA ILE A 47 -3.90 15.89 -7.07
C ILE A 47 -2.39 16.07 -7.09
N GLU A 48 -1.84 16.57 -5.98
CA GLU A 48 -0.39 16.66 -5.82
C GLU A 48 0.13 15.34 -5.26
N ALA A 49 1.41 15.08 -5.52
CA ALA A 49 2.08 13.90 -4.98
C ALA A 49 3.16 14.31 -4.00
N ASP A 50 3.53 13.39 -3.09
CA ASP A 50 4.73 13.55 -2.27
C ASP A 50 5.81 12.67 -2.83
N TYR A 51 7.04 13.17 -2.79
CA TYR A 51 8.13 12.50 -3.44
C TYR A 51 9.06 11.98 -2.41
N VAL A 52 9.04 10.68 -2.24
CA VAL A 52 9.76 10.04 -1.17
C VAL A 52 10.92 9.30 -1.79
N ASN A 53 12.10 9.56 -1.25
CA ASN A 53 13.31 8.87 -1.65
C ASN A 53 13.53 7.61 -0.86
N CYS A 54 13.77 6.51 -1.57
CA CYS A 54 13.96 5.23 -0.93
C CYS A 54 15.28 4.65 -1.35
N THR A 55 15.96 4.02 -0.41
CA THR A 55 17.16 3.28 -0.67
C THR A 55 16.88 1.78 -0.53
N LEU A 56 17.31 1.00 -1.53
CA LEU A 56 17.20 -0.46 -1.50
C LEU A 56 18.59 -1.07 -1.48
N TRP A 57 18.70 -2.31 -0.98
CA TRP A 57 19.98 -3.03 -0.80
C TRP A 57 19.94 -4.44 -1.26
N ARG A 58 21.12 -4.97 -1.60
CA ARG A 58 21.28 -6.34 -2.03
C ARG A 58 20.26 -6.73 -3.13
N LYS A 59 19.69 -7.94 -3.03
CA LYS A 59 18.82 -8.47 -4.07
C LYS A 59 17.61 -7.62 -4.36
N THR A 60 17.14 -6.87 -3.36
CA THR A 60 15.96 -6.01 -3.53
C THR A 60 16.29 -4.90 -4.50
N ALA A 61 17.48 -4.31 -4.32
CA ALA A 61 18.00 -3.33 -5.25
C ALA A 61 18.10 -3.90 -6.66
N GLU A 62 18.63 -5.10 -6.79
CA GLU A 62 18.84 -5.64 -8.13
C GLU A 62 17.48 -5.95 -8.76
N ASN A 63 16.65 -6.68 -8.01
CA ASN A 63 15.34 -6.98 -8.55
C ASN A 63 14.52 -5.74 -8.91
N THR A 64 14.48 -4.72 -8.06
CA THR A 64 13.66 -3.60 -8.48
C THR A 64 14.30 -2.96 -9.65
N ALA A 65 15.62 -2.97 -9.72
CA ALA A 65 16.28 -2.49 -10.94
C ALA A 65 15.82 -3.28 -12.17
N LEU A 66 15.88 -4.59 -12.07
CA LEU A 66 15.61 -5.47 -13.18
C LEU A 66 14.16 -5.40 -13.63
N TYR A 67 13.23 -5.22 -12.68
CA TYR A 67 11.82 -5.32 -13.05
C TYR A 67 11.06 -4.01 -13.15
N CYS A 68 11.43 -2.98 -12.40
CA CYS A 68 10.72 -1.70 -12.50
C CYS A 68 11.50 -0.62 -13.24
N GLN A 69 10.77 0.38 -13.71
CA GLN A 69 11.32 1.49 -14.49
C GLN A 69 10.46 2.71 -14.19
N LYS A 70 10.82 3.88 -14.74
CA LYS A 70 10.01 5.09 -14.56
C LYS A 70 8.55 4.74 -14.77
N GLY A 71 7.68 5.14 -13.87
CA GLY A 71 6.26 4.84 -14.04
C GLY A 71 5.74 3.67 -13.23
N SER A 72 6.59 2.66 -12.97
CA SER A 72 6.20 1.44 -12.26
C SER A 72 5.57 1.72 -10.90
N LEU A 73 4.40 1.13 -10.69
CA LEU A 73 3.74 1.20 -9.42
C LEU A 73 4.45 0.23 -8.53
N VAL A 74 4.76 0.68 -7.33
CA VAL A 74 5.57 -0.12 -6.44
C VAL A 74 5.03 0.05 -5.03
N GLY A 75 5.08 -1.04 -4.29
CA GLY A 75 4.67 -0.98 -2.89
C GLY A 75 5.87 -1.23 -2.03
N VAL A 76 6.05 -0.43 -1.01
CA VAL A 76 7.27 -0.48 -0.22
C VAL A 76 6.92 -0.45 1.25
N SER A 77 7.69 -1.21 2.03
CA SER A 77 7.65 -1.12 3.47
C SER A 77 9.07 -1.05 3.99
N GLY A 78 9.28 -0.29 5.05
CA GLY A 78 10.64 -0.11 5.57
C GLY A 78 10.65 0.91 6.70
N ARG A 79 11.74 1.64 6.85
CA ARG A 79 11.82 2.60 7.95
C ARG A 79 12.42 3.92 7.49
N ILE A 80 12.13 4.99 8.21
CA ILE A 80 12.69 6.27 7.86
C ILE A 80 14.07 6.33 8.43
N GLN A 81 15.04 6.74 7.61
CA GLN A 81 16.34 7.01 8.18
C GLN A 81 16.82 8.39 7.81
N THR A 82 17.59 8.98 8.73
CA THR A 82 18.14 10.31 8.54
C THR A 82 19.68 10.29 8.47
N ARG A 83 20.23 11.23 7.69
CA ARG A 83 21.66 11.31 7.36
C ARG A 83 22.02 12.77 7.25
N SER A 84 23.29 13.07 7.57
CA SER A 84 23.95 14.34 7.20
C SER A 84 25.21 14.03 6.42
N TYR A 85 25.47 14.84 5.39
CA TYR A 85 26.76 14.79 4.72
C TYR A 85 27.34 16.20 4.53
N GLU A 86 28.52 16.26 3.90
CA GLU A 86 29.18 17.51 3.49
C GLU A 86 29.30 17.62 1.96
N VAL A 91 28.88 23.43 4.24
CA VAL A 91 28.13 22.87 3.12
C VAL A 91 27.38 21.59 3.56
N ASN A 92 26.90 21.56 4.82
CA ASN A 92 26.31 20.34 5.43
C ASN A 92 24.78 20.15 5.27
N VAL A 93 24.39 19.02 4.68
CA VAL A 93 22.98 18.77 4.28
C VAL A 93 22.27 17.70 5.11
N TYR A 94 20.97 17.90 5.33
CA TYR A 94 20.11 16.99 6.10
C TYR A 94 19.16 16.20 5.19
N VAL A 95 19.29 14.87 5.20
CA VAL A 95 18.47 14.00 4.36
C VAL A 95 17.59 13.09 5.20
N THR A 96 16.35 12.88 4.76
CA THR A 96 15.52 11.84 5.34
C THR A 96 15.02 10.94 4.24
N GLU A 97 15.28 9.65 4.37
CA GLU A 97 14.87 8.68 3.37
C GLU A 97 14.05 7.61 4.02
N VAL A 98 13.55 6.73 3.18
CA VAL A 98 12.96 5.50 3.64
C VAL A 98 13.94 4.45 3.20
N LEU A 99 14.34 3.62 4.13
CA LEU A 99 15.15 2.48 3.81
C LEU A 99 14.23 1.27 3.59
N ALA A 100 13.99 0.88 2.34
CA ALA A 100 13.05 -0.26 2.04
C ALA A 100 13.54 -1.63 2.47
N ASP A 101 12.71 -2.39 3.14
CA ASP A 101 13.03 -3.77 3.46
C ASP A 101 12.52 -4.63 2.34
N THR A 102 11.27 -4.38 1.91
CA THR A 102 10.67 -5.13 0.83
C THR A 102 10.03 -4.21 -0.16
N VAL A 103 9.89 -4.70 -1.38
CA VAL A 103 9.15 -3.96 -2.35
C VAL A 103 8.32 -4.89 -3.18
N ARG A 104 7.10 -4.49 -3.42
CA ARG A 104 6.21 -5.28 -4.18
C ARG A 104 6.03 -4.66 -5.55
N PHE A 105 6.15 -5.49 -6.57
CA PHE A 105 6.00 -5.00 -7.91
C PHE A 105 4.57 -5.06 -8.29
N MET A 106 3.93 -3.92 -8.44
CA MET A 106 2.49 -3.91 -8.68
C MET A 106 2.00 -3.66 -10.09
N ASP A 107 2.89 -3.55 -11.06
CA ASP A 107 2.51 -3.08 -12.42
C ASP A 107 1.15 -3.47 -13.03
N MET B 4 1.23 3.19 20.60
CA MET B 4 0.62 1.85 20.38
C MET B 4 -0.47 1.98 19.34
N PHE B 5 -0.24 1.46 18.14
CA PHE B 5 -1.26 1.59 17.08
C PHE B 5 -1.45 0.34 16.24
N ASN B 6 -2.27 0.46 15.23
CA ASN B 6 -2.83 -0.65 14.55
C ASN B 6 -3.15 -0.15 13.17
N GLN B 7 -2.38 -0.55 12.17
CA GLN B 7 -2.59 0.00 10.84
C GLN B 7 -2.40 -1.03 9.77
N VAL B 8 -3.25 -0.96 8.76
CA VAL B 8 -3.31 -1.99 7.72
C VAL B 8 -3.42 -1.34 6.36
N MET B 9 -2.60 -1.76 5.40
CA MET B 9 -2.77 -1.31 4.00
C MET B 9 -3.02 -2.50 3.11
N LEU B 10 -4.20 -2.55 2.49
CA LEU B 10 -4.52 -3.59 1.52
C LEU B 10 -4.95 -3.00 0.19
N VAL B 11 -4.58 -3.67 -0.88
CA VAL B 11 -5.08 -3.39 -2.22
C VAL B 11 -5.35 -4.75 -2.79
N GLY B 12 -6.62 -5.01 -3.07
CA GLY B 12 -7.05 -6.29 -3.60
C GLY B 12 -8.28 -6.10 -4.47
N ARG B 13 -8.95 -7.21 -4.74
CA ARG B 13 -10.11 -7.23 -5.60
C ARG B 13 -11.29 -7.82 -4.85
N LEU B 14 -12.44 -7.15 -4.95
CA LEU B 14 -13.66 -7.62 -4.26
C LEU B 14 -14.10 -8.95 -4.81
N THR B 15 -14.42 -9.89 -3.93
CA THR B 15 -14.89 -11.20 -4.37
C THR B 15 -16.39 -11.22 -4.67
N LYS B 16 -17.13 -10.24 -4.15
CA LYS B 16 -18.60 -10.15 -4.35
C LYS B 16 -18.98 -8.67 -4.43
N ASP B 17 -20.16 -8.39 -4.95
CA ASP B 17 -20.71 -7.05 -4.81
C ASP B 17 -20.77 -6.74 -3.31
N PRO B 18 -20.52 -5.47 -2.95
CA PRO B 18 -20.54 -5.12 -1.54
C PRO B 18 -21.91 -5.31 -0.90
N ASP B 19 -21.88 -5.66 0.39
CA ASP B 19 -23.08 -5.97 1.15
C ASP B 19 -23.52 -4.78 1.99
N LEU B 20 -24.27 -3.87 1.40
CA LEU B 20 -24.74 -2.66 2.08
C LEU B 20 -26.01 -2.91 2.89
N ARG B 21 -25.93 -2.72 4.19
CA ARG B 21 -27.07 -2.79 5.08
C ARG B 21 -27.14 -1.49 5.85
N TYR B 22 -28.25 -1.22 6.53
CA TYR B 22 -28.37 -0.07 7.43
C TYR B 22 -28.73 -0.50 8.82
N THR B 23 -28.07 0.11 9.82
CA THR B 23 -28.36 -0.15 11.24
C THR B 23 -29.74 0.41 11.57
N SER B 24 -30.37 -0.07 12.64
CA SER B 24 -31.72 0.43 12.93
C SER B 24 -31.72 1.94 13.19
N ALA B 25 -30.61 2.46 13.70
CA ALA B 25 -30.43 3.92 13.81
C ALA B 25 -30.34 4.66 12.45
N GLY B 26 -29.97 3.96 11.39
CA GLY B 26 -29.93 4.58 10.06
C GLY B 26 -28.54 4.62 9.43
N ALA B 27 -27.54 4.05 10.10
CA ALA B 27 -26.16 4.15 9.64
C ALA B 27 -25.88 3.10 8.59
N ALA B 28 -25.36 3.53 7.45
CA ALA B 28 -24.97 2.61 6.43
C ALA B 28 -23.78 1.80 6.93
N VAL B 29 -23.76 0.51 6.63
CA VAL B 29 -22.60 -0.31 6.99
C VAL B 29 -22.50 -1.40 5.95
N ALA B 30 -21.28 -1.67 5.50
CA ALA B 30 -21.08 -2.62 4.40
C ALA B 30 -20.02 -3.65 4.75
N HIS B 31 -20.14 -4.83 4.18
CA HIS B 31 -19.14 -5.87 4.37
C HIS B 31 -18.64 -6.34 3.06
N VAL B 32 -17.36 -6.12 2.82
CA VAL B 32 -16.75 -6.57 1.60
C VAL B 32 -15.65 -7.56 1.94
N THR B 33 -15.35 -8.45 1.01
CA THR B 33 -14.18 -9.32 1.20
C THR B 33 -13.17 -9.21 0.04
N LEU B 34 -11.91 -8.92 0.44
CA LEU B 34 -10.87 -8.55 -0.52
C LEU B 34 -9.94 -9.73 -0.77
N ALA B 35 -9.85 -10.12 -2.04
CA ALA B 35 -8.90 -11.13 -2.41
C ALA B 35 -7.57 -10.45 -2.62
N VAL B 36 -6.57 -10.78 -1.83
CA VAL B 36 -5.21 -10.27 -2.11
C VAL B 36 -4.25 -11.39 -2.49
N ASN B 37 -3.94 -11.52 -3.76
CA ASN B 37 -2.97 -12.51 -4.18
C ASN B 37 -1.65 -12.28 -3.49
N ARG B 38 -0.94 -13.36 -3.16
CA ARG B 38 0.43 -13.21 -2.68
C ARG B 38 1.40 -13.02 -3.83
N SER B 39 2.69 -12.95 -3.51
CA SER B 39 3.72 -12.56 -4.48
C SER B 39 4.62 -13.72 -4.85
N PHE B 40 4.44 -14.85 -4.18
CA PHE B 40 5.26 -16.03 -4.43
C PHE B 40 4.34 -17.23 -4.70
N LYS B 41 4.89 -18.31 -5.24
CA LYS B 41 4.13 -19.54 -5.48
C LYS B 41 4.27 -20.51 -4.32
N ASN B 42 3.32 -21.40 -4.14
CA ASN B 42 3.47 -22.47 -3.14
C ASN B 42 4.17 -23.66 -3.79
N ALA B 43 4.58 -24.64 -2.97
CA ALA B 43 5.23 -25.87 -3.44
C ALA B 43 4.72 -26.35 -4.81
N SER B 44 3.40 -26.43 -4.98
CA SER B 44 2.81 -26.85 -6.27
C SER B 44 2.86 -25.83 -7.43
N GLY B 45 3.45 -24.66 -7.16
CA GLY B 45 3.65 -23.64 -8.20
C GLY B 45 2.44 -22.75 -8.40
N GLU B 46 1.65 -22.58 -7.35
CA GLU B 46 0.48 -21.75 -7.45
C GLU B 46 0.52 -20.52 -6.56
N ILE B 47 -0.15 -19.48 -7.03
CA ILE B 47 -0.31 -18.24 -6.30
C ILE B 47 -1.66 -18.31 -5.59
N GLU B 48 -1.62 -18.26 -4.26
CA GLU B 48 -2.84 -18.19 -3.46
C GLU B 48 -3.17 -16.77 -3.06
N ALA B 49 -4.40 -16.58 -2.61
CA ALA B 49 -4.85 -15.27 -2.20
C ALA B 49 -5.20 -15.31 -0.73
N ASP B 50 -5.15 -14.16 -0.06
CA ASP B 50 -5.77 -14.09 1.23
C ASP B 50 -7.08 -13.33 1.07
N TYR B 51 -8.11 -13.79 1.78
CA TYR B 51 -9.44 -13.18 1.68
C TYR B 51 -9.75 -12.37 2.92
N VAL B 52 -9.67 -11.06 2.81
CA VAL B 52 -9.81 -10.25 4.00
C VAL B 52 -11.17 -9.58 4.05
N ASN B 53 -11.91 -9.88 5.11
CA ASN B 53 -13.19 -9.24 5.34
C ASN B 53 -12.98 -7.87 5.91
N CYS B 54 -13.56 -6.89 5.25
CA CYS B 54 -13.49 -5.52 5.72
C CYS B 54 -14.89 -5.02 5.92
N THR B 55 -15.07 -4.25 6.98
CA THR B 55 -16.33 -3.62 7.18
C THR B 55 -16.18 -2.09 7.04
N LEU B 56 -17.05 -1.51 6.20
CA LEU B 56 -17.08 -0.08 5.93
C LEU B 56 -18.31 0.57 6.55
N TRP B 57 -18.18 1.84 6.96
CA TRP B 57 -19.31 2.58 7.54
C TRP B 57 -19.71 3.80 6.77
N ARG B 58 -20.99 4.14 6.95
CA ARG B 58 -21.58 5.41 6.49
C ARG B 58 -21.23 5.71 5.04
N LYS B 59 -20.78 6.93 4.78
CA LYS B 59 -20.58 7.35 3.40
C LYS B 59 -19.62 6.41 2.68
N THR B 60 -18.56 5.99 3.36
CA THR B 60 -17.59 5.04 2.81
C THR B 60 -18.29 3.77 2.33
N ALA B 61 -19.24 3.31 3.14
CA ALA B 61 -19.99 2.12 2.80
C ALA B 61 -20.85 2.39 1.59
N GLU B 62 -21.53 3.53 1.56
CA GLU B 62 -22.46 3.83 0.49
C GLU B 62 -21.70 4.01 -0.80
N ASN B 63 -20.62 4.77 -0.74
CA ASN B 63 -19.84 4.97 -1.95
C ASN B 63 -19.17 3.71 -2.47
N THR B 64 -18.68 2.87 -1.59
CA THR B 64 -18.08 1.63 -2.05
C THR B 64 -19.12 0.86 -2.80
N ALA B 65 -20.32 0.77 -2.23
CA ALA B 65 -21.46 0.09 -2.88
C ALA B 65 -21.82 0.64 -4.25
N LEU B 66 -21.86 1.97 -4.35
CA LEU B 66 -22.24 2.65 -5.58
C LEU B 66 -21.26 2.33 -6.69
N TYR B 67 -19.97 2.37 -6.36
CA TYR B 67 -18.94 2.41 -7.40
C TYR B 67 -18.17 1.10 -7.61
N CYS B 68 -18.31 0.13 -6.71
CA CYS B 68 -17.57 -1.13 -6.88
C CYS B 68 -18.49 -2.35 -6.94
N GLN B 69 -18.19 -3.26 -7.86
CA GLN B 69 -18.86 -4.58 -7.88
C GLN B 69 -17.87 -5.69 -7.54
N LYS B 70 -18.37 -6.93 -7.51
CA LYS B 70 -17.51 -8.10 -7.64
C LYS B 70 -16.48 -7.77 -8.69
N GLY B 71 -15.20 -8.09 -8.41
CA GLY B 71 -14.11 -7.87 -9.34
C GLY B 71 -13.35 -6.55 -9.20
N SER B 72 -14.03 -5.50 -8.71
CA SER B 72 -13.39 -4.17 -8.56
C SER B 72 -12.07 -4.21 -7.80
N LEU B 73 -11.08 -3.50 -8.33
CA LEU B 73 -9.82 -3.29 -7.62
C LEU B 73 -10.02 -2.15 -6.61
N VAL B 74 -9.65 -2.39 -5.37
CA VAL B 74 -9.94 -1.46 -4.31
C VAL B 74 -8.74 -1.37 -3.37
N GLY B 75 -8.49 -0.18 -2.86
CA GLY B 75 -7.47 0.04 -1.85
C GLY B 75 -8.24 0.31 -0.57
N VAL B 76 -7.71 -0.17 0.55
CA VAL B 76 -8.36 0.04 1.83
C VAL B 76 -7.28 0.25 2.88
N SER B 77 -7.42 1.28 3.71
CA SER B 77 -6.62 1.30 4.92
C SER B 77 -7.52 1.38 6.12
N GLY B 78 -7.07 0.83 7.23
CA GLY B 78 -7.86 0.81 8.45
C GLY B 78 -7.15 0.01 9.49
N ARG B 79 -7.90 -0.53 10.46
CA ARG B 79 -7.29 -1.32 11.55
C ARG B 79 -7.86 -2.71 11.66
N ILE B 80 -7.10 -3.65 12.22
CA ILE B 80 -7.64 -4.97 12.52
C ILE B 80 -8.51 -4.85 13.76
N GLN B 81 -9.78 -5.18 13.62
CA GLN B 81 -10.72 -5.15 14.73
C GLN B 81 -11.08 -6.58 15.09
N THR B 82 -11.36 -6.83 16.36
CA THR B 82 -11.85 -8.14 16.78
C THR B 82 -13.11 -8.02 17.66
N ARG B 83 -14.08 -8.90 17.39
CA ARG B 83 -15.37 -8.96 18.08
C ARG B 83 -15.50 -10.32 18.76
N ASN B 92 -19.11 -20.11 20.59
CA ASN B 92 -19.03 -18.67 20.80
C ASN B 92 -18.35 -17.93 19.64
N VAL B 93 -18.89 -16.75 19.31
CA VAL B 93 -18.44 -15.93 18.14
C VAL B 93 -17.04 -15.25 18.25
N TYR B 94 -16.06 -15.84 17.57
CA TYR B 94 -14.68 -15.30 17.46
C TYR B 94 -14.43 -14.69 16.06
N VAL B 95 -14.81 -13.43 15.84
CA VAL B 95 -14.57 -12.78 14.53
C VAL B 95 -13.46 -11.71 14.53
N THR B 96 -12.76 -11.61 13.40
CA THR B 96 -11.65 -10.66 13.26
C THR B 96 -11.57 -10.08 11.84
N GLU B 97 -11.86 -8.78 11.71
CA GLU B 97 -11.88 -8.11 10.41
C GLU B 97 -11.02 -6.86 10.36
N VAL B 98 -10.95 -6.27 9.18
CA VAL B 98 -10.39 -4.94 9.05
C VAL B 98 -11.53 -3.92 9.07
N LEU B 99 -11.40 -2.92 9.93
CA LEU B 99 -12.35 -1.82 9.97
C LEU B 99 -11.81 -0.68 9.13
N ALA B 100 -12.34 -0.53 7.92
CA ALA B 100 -11.78 0.40 6.91
C ALA B 100 -12.17 1.80 7.23
N ASP B 101 -11.25 2.74 7.16
CA ASP B 101 -11.67 4.12 7.30
C ASP B 101 -11.61 4.90 5.99
N THR B 102 -10.71 4.51 5.09
CA THR B 102 -10.74 5.06 3.75
C THR B 102 -10.65 3.94 2.76
N VAL B 103 -11.37 4.10 1.64
CA VAL B 103 -11.37 3.18 0.51
C VAL B 103 -10.97 3.94 -0.74
N ARG B 104 -10.04 3.40 -1.53
CA ARG B 104 -9.75 4.02 -2.83
C ARG B 104 -10.25 3.14 -3.99
N PHE B 105 -10.86 3.77 -4.98
CA PHE B 105 -11.37 3.03 -6.13
C PHE B 105 -10.32 3.12 -7.20
N MET B 106 -9.89 1.97 -7.70
CA MET B 106 -8.73 1.94 -8.56
C MET B 106 -9.07 1.34 -9.91
N ASP B 107 -10.37 1.21 -10.16
CA ASP B 107 -10.86 0.71 -11.45
C ASP B 107 -10.68 1.79 -12.48
N PRO B 108 -10.05 1.46 -13.63
CA PRO B 108 -9.98 2.36 -14.78
C PRO B 108 -11.34 2.60 -15.44
#